data_1TOS
# 
_entry.id   1TOS 
# 
_audit_conform.dict_name       mmcif_pdbx.dic 
_audit_conform.dict_version    5.391 
_audit_conform.dict_location   http://mmcif.pdb.org/dictionaries/ascii/mmcif_pdbx.dic 
# 
loop_
_database_2.database_id 
_database_2.database_code 
_database_2.pdbx_database_accession 
_database_2.pdbx_DOI 
PDB   1TOS         pdb_00001tos 10.2210/pdb1tos/pdb 
WWPDB D_1000176774 ?            ?                   
# 
loop_
_pdbx_audit_revision_history.ordinal 
_pdbx_audit_revision_history.data_content_type 
_pdbx_audit_revision_history.major_revision 
_pdbx_audit_revision_history.minor_revision 
_pdbx_audit_revision_history.revision_date 
1 'Structure model' 1 0 1996-03-08 
2 'Structure model' 1 1 2008-03-24 
3 'Structure model' 1 2 2011-07-13 
4 'Structure model' 1 3 2017-11-29 
5 'Structure model' 1 4 2024-05-01 
# 
_pdbx_audit_revision_details.ordinal             1 
_pdbx_audit_revision_details.revision_ordinal    1 
_pdbx_audit_revision_details.data_content_type   'Structure model' 
_pdbx_audit_revision_details.provider            repository 
_pdbx_audit_revision_details.type                'Initial release' 
_pdbx_audit_revision_details.description         ? 
_pdbx_audit_revision_details.details             ? 
# 
loop_
_pdbx_audit_revision_group.ordinal 
_pdbx_audit_revision_group.revision_ordinal 
_pdbx_audit_revision_group.data_content_type 
_pdbx_audit_revision_group.group 
1 2 'Structure model' 'Version format compliance' 
2 3 'Structure model' 'Version format compliance' 
3 4 'Structure model' 'Derived calculations'      
4 4 'Structure model' Other                       
5 5 'Structure model' 'Data collection'           
6 5 'Structure model' 'Database references'       
# 
loop_
_pdbx_audit_revision_category.ordinal 
_pdbx_audit_revision_category.revision_ordinal 
_pdbx_audit_revision_category.data_content_type 
_pdbx_audit_revision_category.category 
1 4 'Structure model' pdbx_database_status  
2 4 'Structure model' pdbx_struct_assembly  
3 4 'Structure model' pdbx_struct_oper_list 
4 4 'Structure model' struct_conf           
5 4 'Structure model' struct_conf_type      
6 5 'Structure model' chem_comp_atom        
7 5 'Structure model' chem_comp_bond        
8 5 'Structure model' database_2            
9 5 'Structure model' pdbx_nmr_software     
# 
loop_
_pdbx_audit_revision_item.ordinal 
_pdbx_audit_revision_item.revision_ordinal 
_pdbx_audit_revision_item.data_content_type 
_pdbx_audit_revision_item.item 
1 4 'Structure model' '_pdbx_database_status.process_site'  
2 5 'Structure model' '_database_2.pdbx_DOI'                
3 5 'Structure model' '_database_2.pdbx_database_accession' 
4 5 'Structure model' '_pdbx_nmr_software.name'             
# 
_pdbx_database_status.status_code                     REL 
_pdbx_database_status.entry_id                        1TOS 
_pdbx_database_status.recvd_initial_deposition_date   1995-10-11 
_pdbx_database_status.deposit_site                    ? 
_pdbx_database_status.process_site                    BNL 
_pdbx_database_status.status_code_sf                  ? 
_pdbx_database_status.status_code_mr                  REL 
_pdbx_database_status.SG_entry                        ? 
_pdbx_database_status.pdb_format_compatible           Y 
_pdbx_database_status.status_code_cs                  ? 
_pdbx_database_status.methods_development_category    ? 
_pdbx_database_status.status_code_nmr_data            ? 
# 
loop_
_audit_author.name 
_audit_author.pdbx_ordinal 
'Orlewski, P.'              1 
'Tsikaris, V.'              2 
'Sakarellos, C.'            3 
'Sakarellos-Daistiotis, M.' 4 
'Vatzaki, E.'               5 
'Tzartos, S.J.'             6 
'Marraud, M.'               7 
'Cung, M.T.'                8 
# 
loop_
_citation.id 
_citation.title 
_citation.journal_abbrev 
_citation.journal_volume 
_citation.page_first 
_citation.page_last 
_citation.year 
_citation.journal_id_ASTM 
_citation.country 
_citation.journal_id_ISSN 
_citation.journal_id_CSD 
_citation.book_publisher 
_citation.pdbx_database_id_PubMed 
_citation.pdbx_database_id_DOI 
primary 
;Compared structures of the free nicotinic acetylcholine receptor main immunogenic region (MIR) decapeptide and the antibody-bound [A76]MIR analogue: a molecular dynamics simulation from two-dimensional NMR data.
;
Biopolymers 40 419  432 1996 BIPMAA US 0006-3525 0161 ? 9062066 '10.1002/(SICI)1097-0282(1996)40:5<419::AID-BIP1>3.0.CO;2-Z' 
1       
;Conformational Requirements for Molecular Recognition of Acetylcholine Receptor Main Immunogenic Region (Mir) Analogues by Monoclonal Anti-Mir Antibody: A Two-Dimensional Nuclear Magnetic Resonance and Molecular Dynamics Approach
;
Biopolymers 33 1123 ?   1993 BIPMAA US 0006-3525 0161 ? ?       ?                                                            
2       
;2D-NMR and Molecular Dynamics Analysis of the Torpedo Californica Acetylcholine Receptor Alpha67-76 Fragment and of its [Ala76]-Analogue
;
Pept.Res.   5  14   ?   1992 PEREEO US 1040-5704 1085 ? ?       ?                                                            
3       
;Two-Dimensional 1H-NMR Study of Antigen-Antibody Interactions: Binding of Synthetic Decapeptides to an Anti-Acetylcholine Receptor Monoclonal Antibody
;
Biopolymers 31 769  ?   1991 BIPMAA US 0006-3525 0161 ? ?       ?                                                            
4       
'Two-Dimensional 1H-NMR Study of Synthetic Peptides Containing the Main Immunogenic Region of the Torpedo Acetylcholine Receptor' 
Biopolymers 28 465  ?   1989 BIPMAA US 0006-3525 0161 ? ?       ?                                                            
# 
loop_
_citation_author.citation_id 
_citation_author.name 
_citation_author.ordinal 
_citation_author.identifier_ORCID 
primary 'Orlewski, P.'              1  ? 
primary 'Marraud, M.'               2  ? 
primary 'Cung, M.T.'                3  ? 
primary 'Tsikaris, V.'              4  ? 
primary 'Sakarellos-Daitsiotis, M.' 5  ? 
primary 'Sakarellos, C.'            6  ? 
primary 'Vatzaki, E.'               7  ? 
primary 'Tzartos, S.J.'             8  ? 
1       'Tsikaris, V.'              9  ? 
1       'Desticas, E.'              10 ? 
1       'Sakarellos-Daistiotis, M.' 11 ? 
1       'Sakarellos, C.'            12 ? 
1       'Cung, M.T.'                13 ? 
1       'Marraud, M.'               14 ? 
1       'Vatzaki, E.'               15 ? 
1       'Tzartos, S.J.'             16 ? 
2       'Cung, M.T.'                17 ? 
2       'Tsikaris, V.'              18 ? 
2       'Demange, P.'               19 ? 
2       'Papadouli, I.'             20 ? 
2       'Tzartos, S.'               21 ? 
2       'Sakarellos, C.'            22 ? 
2       'Marraud, M.'               23 ? 
3       'Cung, M.T.'                24 ? 
3       'Demange, P.'               25 ? 
3       'Marraud, M.'               26 ? 
3       'Tsikaris, V.'              27 ? 
3       'Papadouli, I.'             28 ? 
3       'Sakarellos, C.'            29 ? 
3       'Kokla, A.'                 30 ? 
3       'Tzartos, S.J.'             31 ? 
4       'Cung, M.T.'                32 ? 
4       'Marraud, M.'               33 ? 
4       'Hadjidakis, I.'            34 ? 
4       'Bairaktari, E.'            35 ? 
4       'Sakarellos, C.'            36 ? 
4       'Kokla, A.'                 37 ? 
4       'J Tzartos, S.'             38 ? 
# 
_entity.id                         1 
_entity.type                       polymer 
_entity.src_method                 nat 
_entity.pdbx_description           'ACETYLCHOLINE RECEPTOR [ALA76] MIR ANALOGUE' 
_entity.formula_weight             1063.121 
_entity.pdbx_number_of_molecules   1 
_entity.pdbx_ec                    ? 
_entity.pdbx_mutation              ? 
_entity.pdbx_fragment              'ALPHA 67-76 DOMAIN OF THE ACETYLCHOLINE RECEPTOR' 
_entity.details                    ? 
# 
_entity_poly.entity_id                      1 
_entity_poly.type                           'polypeptide(L)' 
_entity_poly.nstd_linkage                   no 
_entity_poly.nstd_monomer                   no 
_entity_poly.pdbx_seq_one_letter_code       WNPADYGGIA 
_entity_poly.pdbx_seq_one_letter_code_can   WNPADYGGIA 
_entity_poly.pdbx_strand_id                 A 
_entity_poly.pdbx_target_identifier         ? 
# 
loop_
_entity_poly_seq.entity_id 
_entity_poly_seq.num 
_entity_poly_seq.mon_id 
_entity_poly_seq.hetero 
1 1  TRP n 
1 2  ASN n 
1 3  PRO n 
1 4  ALA n 
1 5  ASP n 
1 6  TYR n 
1 7  GLY n 
1 8  GLY n 
1 9  ILE n 
1 10 ALA n 
# 
_entity_src_nat.entity_id                  1 
_entity_src_nat.pdbx_src_id                1 
_entity_src_nat.pdbx_alt_source_flag       sample 
_entity_src_nat.pdbx_beg_seq_num           ? 
_entity_src_nat.pdbx_end_seq_num           ? 
_entity_src_nat.common_name                'Pacific electric ray' 
_entity_src_nat.pdbx_organism_scientific   'Torpedo californica' 
_entity_src_nat.pdbx_ncbi_taxonomy_id      7787 
_entity_src_nat.genus                      Torpedo 
_entity_src_nat.species                    ? 
_entity_src_nat.strain                     ? 
_entity_src_nat.tissue                     ? 
_entity_src_nat.tissue_fraction            ? 
_entity_src_nat.pdbx_secretion             ? 
_entity_src_nat.pdbx_fragment              ? 
_entity_src_nat.pdbx_variant               ? 
_entity_src_nat.pdbx_cell_line             ? 
_entity_src_nat.pdbx_atcc                  ? 
_entity_src_nat.pdbx_cellular_location     ? 
_entity_src_nat.pdbx_organ                 ? 
_entity_src_nat.pdbx_organelle             ? 
_entity_src_nat.pdbx_cell                  ? 
_entity_src_nat.pdbx_plasmid_name          ? 
_entity_src_nat.pdbx_plasmid_details       ? 
_entity_src_nat.details                    ? 
# 
loop_
_chem_comp.id 
_chem_comp.type 
_chem_comp.mon_nstd_flag 
_chem_comp.name 
_chem_comp.pdbx_synonyms 
_chem_comp.formula 
_chem_comp.formula_weight 
ALA 'L-peptide linking' y ALANINE         ? 'C3 H7 N O2'    89.093  
ASN 'L-peptide linking' y ASPARAGINE      ? 'C4 H8 N2 O3'   132.118 
ASP 'L-peptide linking' y 'ASPARTIC ACID' ? 'C4 H7 N O4'    133.103 
GLY 'peptide linking'   y GLYCINE         ? 'C2 H5 N O2'    75.067  
ILE 'L-peptide linking' y ISOLEUCINE      ? 'C6 H13 N O2'   131.173 
PRO 'L-peptide linking' y PROLINE         ? 'C5 H9 N O2'    115.130 
TRP 'L-peptide linking' y TRYPTOPHAN      ? 'C11 H12 N2 O2' 204.225 
TYR 'L-peptide linking' y TYROSINE        ? 'C9 H11 N O3'   181.189 
# 
loop_
_pdbx_poly_seq_scheme.asym_id 
_pdbx_poly_seq_scheme.entity_id 
_pdbx_poly_seq_scheme.seq_id 
_pdbx_poly_seq_scheme.mon_id 
_pdbx_poly_seq_scheme.ndb_seq_num 
_pdbx_poly_seq_scheme.pdb_seq_num 
_pdbx_poly_seq_scheme.auth_seq_num 
_pdbx_poly_seq_scheme.pdb_mon_id 
_pdbx_poly_seq_scheme.auth_mon_id 
_pdbx_poly_seq_scheme.pdb_strand_id 
_pdbx_poly_seq_scheme.pdb_ins_code 
_pdbx_poly_seq_scheme.hetero 
A 1 1  TRP 1  1  1  TRP TRP A . n 
A 1 2  ASN 2  2  2  ASN ASN A . n 
A 1 3  PRO 3  3  3  PRO PRO A . n 
A 1 4  ALA 4  4  4  ALA ALA A . n 
A 1 5  ASP 5  5  5  ASP ASP A . n 
A 1 6  TYR 6  6  6  TYR TYR A . n 
A 1 7  GLY 7  7  7  GLY GLY A . n 
A 1 8  GLY 8  8  8  GLY GLY A . n 
A 1 9  ILE 9  9  9  ILE ILE A . n 
A 1 10 ALA 10 10 10 ALA ALA A . n 
# 
_cell.entry_id           1TOS 
_cell.length_a           1.000 
_cell.length_b           1.000 
_cell.length_c           1.000 
_cell.angle_alpha        90.00 
_cell.angle_beta         90.00 
_cell.angle_gamma        90.00 
_cell.Z_PDB              1 
_cell.pdbx_unique_axis   ? 
# 
_symmetry.entry_id                         1TOS 
_symmetry.space_group_name_H-M             'P 1' 
_symmetry.pdbx_full_space_group_name_H-M   ? 
_symmetry.cell_setting                     ? 
_symmetry.Int_Tables_number                1 
# 
_exptl.entry_id          1TOS 
_exptl.method            'SOLUTION NMR' 
_exptl.crystals_number   ? 
# 
_struct.entry_id                  1TOS 
_struct.title                     
'TORPEDO CALIFORNICA ACHR RECEPTOR [ALA76] ANALOGUE COMPLEXED WITH THE ANTI-ACETYLCHOLINE MAB6 MONOCLONAL ANTIBODY' 
_struct.pdbx_model_details        ? 
_struct.pdbx_CASP_flag            ? 
_struct.pdbx_model_type_details   ? 
# 
_struct_keywords.entry_id        1TOS 
_struct_keywords.pdbx_keywords   'TRANSMEMBRANE PROTEIN' 
_struct_keywords.text            'TRANSMEMBRANE PROTEIN' 
# 
_struct_asym.id                            A 
_struct_asym.pdbx_blank_PDB_chainid_flag   Y 
_struct_asym.pdbx_modified                 N 
_struct_asym.entity_id                     1 
_struct_asym.details                       ? 
# 
_struct_ref.id                         1 
_struct_ref.db_name                    UNP 
_struct_ref.db_code                    ACHA_TORCA 
_struct_ref.pdbx_db_accession          P02710 
_struct_ref.entity_id                  1 
_struct_ref.pdbx_align_begin           91 
_struct_ref.pdbx_db_isoform            ? 
_struct_ref.pdbx_seq_one_letter_code   ? 
# 
_struct_ref_seq.align_id                      1 
_struct_ref_seq.ref_id                        1 
_struct_ref_seq.pdbx_PDB_id_code              1TOS 
_struct_ref_seq.pdbx_strand_id                A 
_struct_ref_seq.seq_align_beg                 1 
_struct_ref_seq.pdbx_seq_align_beg_ins_code   ? 
_struct_ref_seq.seq_align_end                 9 
_struct_ref_seq.pdbx_seq_align_end_ins_code   ? 
_struct_ref_seq.pdbx_db_accession             P02710 
_struct_ref_seq.db_align_beg                  91 
_struct_ref_seq.pdbx_db_align_beg_ins_code    ? 
_struct_ref_seq.db_align_end                  99 
_struct_ref_seq.pdbx_db_align_end_ins_code    ? 
_struct_ref_seq.pdbx_auth_seq_align_beg       1 
_struct_ref_seq.pdbx_auth_seq_align_end       9 
# 
_pdbx_struct_assembly.id                   1 
_pdbx_struct_assembly.details              author_defined_assembly 
_pdbx_struct_assembly.method_details       ? 
_pdbx_struct_assembly.oligomeric_details   monomeric 
_pdbx_struct_assembly.oligomeric_count     1 
# 
_pdbx_struct_assembly_gen.assembly_id       1 
_pdbx_struct_assembly_gen.oper_expression   1 
_pdbx_struct_assembly_gen.asym_id_list      A 
# 
_pdbx_struct_oper_list.id                   1 
_pdbx_struct_oper_list.type                 'identity operation' 
_pdbx_struct_oper_list.name                 1_555 
_pdbx_struct_oper_list.symmetry_operation   ? 
_pdbx_struct_oper_list.matrix[1][1]         1.0000000000 
_pdbx_struct_oper_list.matrix[1][2]         0.0000000000 
_pdbx_struct_oper_list.matrix[1][3]         0.0000000000 
_pdbx_struct_oper_list.vector[1]            0.0000000000 
_pdbx_struct_oper_list.matrix[2][1]         0.0000000000 
_pdbx_struct_oper_list.matrix[2][2]         1.0000000000 
_pdbx_struct_oper_list.matrix[2][3]         0.0000000000 
_pdbx_struct_oper_list.vector[2]            0.0000000000 
_pdbx_struct_oper_list.matrix[3][1]         0.0000000000 
_pdbx_struct_oper_list.matrix[3][2]         0.0000000000 
_pdbx_struct_oper_list.matrix[3][3]         1.0000000000 
_pdbx_struct_oper_list.vector[3]            0.0000000000 
# 
_struct_biol.id   1 
# 
_struct_conf.conf_type_id            HELX_P 
_struct_conf.id                      HELX_P1 
_struct_conf.pdbx_PDB_helix_id       1 
_struct_conf.beg_label_comp_id       PRO 
_struct_conf.beg_label_asym_id       A 
_struct_conf.beg_label_seq_id        3 
_struct_conf.pdbx_beg_PDB_ins_code   ? 
_struct_conf.end_label_comp_id       ASP 
_struct_conf.end_label_asym_id       A 
_struct_conf.end_label_seq_id        5 
_struct_conf.pdbx_end_PDB_ins_code   ? 
_struct_conf.beg_auth_comp_id        PRO 
_struct_conf.beg_auth_asym_id        A 
_struct_conf.beg_auth_seq_id         3 
_struct_conf.end_auth_comp_id        ASP 
_struct_conf.end_auth_asym_id        A 
_struct_conf.end_auth_seq_id         5 
_struct_conf.pdbx_PDB_helix_class    5 
_struct_conf.details                 ? 
_struct_conf.pdbx_PDB_helix_length   3 
# 
_struct_conf_type.id          HELX_P 
_struct_conf_type.criteria    ? 
_struct_conf_type.reference   ? 
# 
loop_
_pdbx_validate_rmsd_angle.id 
_pdbx_validate_rmsd_angle.PDB_model_num 
_pdbx_validate_rmsd_angle.auth_atom_id_1 
_pdbx_validate_rmsd_angle.auth_asym_id_1 
_pdbx_validate_rmsd_angle.auth_comp_id_1 
_pdbx_validate_rmsd_angle.auth_seq_id_1 
_pdbx_validate_rmsd_angle.PDB_ins_code_1 
_pdbx_validate_rmsd_angle.label_alt_id_1 
_pdbx_validate_rmsd_angle.auth_atom_id_2 
_pdbx_validate_rmsd_angle.auth_asym_id_2 
_pdbx_validate_rmsd_angle.auth_comp_id_2 
_pdbx_validate_rmsd_angle.auth_seq_id_2 
_pdbx_validate_rmsd_angle.PDB_ins_code_2 
_pdbx_validate_rmsd_angle.label_alt_id_2 
_pdbx_validate_rmsd_angle.auth_atom_id_3 
_pdbx_validate_rmsd_angle.auth_asym_id_3 
_pdbx_validate_rmsd_angle.auth_comp_id_3 
_pdbx_validate_rmsd_angle.auth_seq_id_3 
_pdbx_validate_rmsd_angle.PDB_ins_code_3 
_pdbx_validate_rmsd_angle.label_alt_id_3 
_pdbx_validate_rmsd_angle.angle_value 
_pdbx_validate_rmsd_angle.angle_target_value 
_pdbx_validate_rmsd_angle.angle_deviation 
_pdbx_validate_rmsd_angle.angle_standard_deviation 
_pdbx_validate_rmsd_angle.linker_flag 
1 1 CB  A TYR 6 ? ? CG  A TYR 6 ? ? CD2 A TYR 6 ? ? 116.86 121.00 -4.14 0.60 N 
2 2 CD1 A TRP 1 ? ? NE1 A TRP 1 ? ? CE2 A TRP 1 ? ? 103.59 109.00 -5.41 0.90 N 
3 3 CB  A TYR 6 ? ? CG  A TYR 6 ? ? CD2 A TYR 6 ? ? 117.21 121.00 -3.79 0.60 N 
# 
_pdbx_validate_torsion.id              1 
_pdbx_validate_torsion.PDB_model_num   2 
_pdbx_validate_torsion.auth_comp_id    ASP 
_pdbx_validate_torsion.auth_asym_id    A 
_pdbx_validate_torsion.auth_seq_id     5 
_pdbx_validate_torsion.PDB_ins_code    ? 
_pdbx_validate_torsion.label_alt_id    ? 
_pdbx_validate_torsion.phi             -104.09 
_pdbx_validate_torsion.psi             56.12 
# 
_pdbx_nmr_ensemble.entry_id                             1TOS 
_pdbx_nmr_ensemble.conformers_calculated_total_number   ? 
_pdbx_nmr_ensemble.conformers_submitted_total_number    3 
_pdbx_nmr_ensemble.conformer_selection_criteria         ? 
# 
loop_
_pdbx_nmr_software.classification 
_pdbx_nmr_software.name 
_pdbx_nmr_software.version 
_pdbx_nmr_software.authors 
_pdbx_nmr_software.ordinal 
refinement DGII     ?   HAVEL  1 
refinement Discover 2.8 BIOSYM 2 
# 
loop_
_chem_comp_atom.comp_id 
_chem_comp_atom.atom_id 
_chem_comp_atom.type_symbol 
_chem_comp_atom.pdbx_aromatic_flag 
_chem_comp_atom.pdbx_stereo_config 
_chem_comp_atom.pdbx_ordinal 
ALA N    N N N 1   
ALA CA   C N S 2   
ALA C    C N N 3   
ALA O    O N N 4   
ALA CB   C N N 5   
ALA OXT  O N N 6   
ALA H    H N N 7   
ALA H2   H N N 8   
ALA HA   H N N 9   
ALA HB1  H N N 10  
ALA HB2  H N N 11  
ALA HB3  H N N 12  
ALA HXT  H N N 13  
ASN N    N N N 14  
ASN CA   C N S 15  
ASN C    C N N 16  
ASN O    O N N 17  
ASN CB   C N N 18  
ASN CG   C N N 19  
ASN OD1  O N N 20  
ASN ND2  N N N 21  
ASN OXT  O N N 22  
ASN H    H N N 23  
ASN H2   H N N 24  
ASN HA   H N N 25  
ASN HB2  H N N 26  
ASN HB3  H N N 27  
ASN HD21 H N N 28  
ASN HD22 H N N 29  
ASN HXT  H N N 30  
ASP N    N N N 31  
ASP CA   C N S 32  
ASP C    C N N 33  
ASP O    O N N 34  
ASP CB   C N N 35  
ASP CG   C N N 36  
ASP OD1  O N N 37  
ASP OD2  O N N 38  
ASP OXT  O N N 39  
ASP H    H N N 40  
ASP H2   H N N 41  
ASP HA   H N N 42  
ASP HB2  H N N 43  
ASP HB3  H N N 44  
ASP HD2  H N N 45  
ASP HXT  H N N 46  
GLY N    N N N 47  
GLY CA   C N N 48  
GLY C    C N N 49  
GLY O    O N N 50  
GLY OXT  O N N 51  
GLY H    H N N 52  
GLY H2   H N N 53  
GLY HA2  H N N 54  
GLY HA3  H N N 55  
GLY HXT  H N N 56  
ILE N    N N N 57  
ILE CA   C N S 58  
ILE C    C N N 59  
ILE O    O N N 60  
ILE CB   C N S 61  
ILE CG1  C N N 62  
ILE CG2  C N N 63  
ILE CD1  C N N 64  
ILE OXT  O N N 65  
ILE H    H N N 66  
ILE H2   H N N 67  
ILE HA   H N N 68  
ILE HB   H N N 69  
ILE HG12 H N N 70  
ILE HG13 H N N 71  
ILE HG21 H N N 72  
ILE HG22 H N N 73  
ILE HG23 H N N 74  
ILE HD11 H N N 75  
ILE HD12 H N N 76  
ILE HD13 H N N 77  
ILE HXT  H N N 78  
PRO N    N N N 79  
PRO CA   C N S 80  
PRO C    C N N 81  
PRO O    O N N 82  
PRO CB   C N N 83  
PRO CG   C N N 84  
PRO CD   C N N 85  
PRO OXT  O N N 86  
PRO H    H N N 87  
PRO HA   H N N 88  
PRO HB2  H N N 89  
PRO HB3  H N N 90  
PRO HG2  H N N 91  
PRO HG3  H N N 92  
PRO HD2  H N N 93  
PRO HD3  H N N 94  
PRO HXT  H N N 95  
TRP N    N N N 96  
TRP CA   C N S 97  
TRP C    C N N 98  
TRP O    O N N 99  
TRP CB   C N N 100 
TRP CG   C Y N 101 
TRP CD1  C Y N 102 
TRP CD2  C Y N 103 
TRP NE1  N Y N 104 
TRP CE2  C Y N 105 
TRP CE3  C Y N 106 
TRP CZ2  C Y N 107 
TRP CZ3  C Y N 108 
TRP CH2  C Y N 109 
TRP OXT  O N N 110 
TRP H    H N N 111 
TRP H2   H N N 112 
TRP HA   H N N 113 
TRP HB2  H N N 114 
TRP HB3  H N N 115 
TRP HD1  H N N 116 
TRP HE1  H N N 117 
TRP HE3  H N N 118 
TRP HZ2  H N N 119 
TRP HZ3  H N N 120 
TRP HH2  H N N 121 
TRP HXT  H N N 122 
TYR N    N N N 123 
TYR CA   C N S 124 
TYR C    C N N 125 
TYR O    O N N 126 
TYR CB   C N N 127 
TYR CG   C Y N 128 
TYR CD1  C Y N 129 
TYR CD2  C Y N 130 
TYR CE1  C Y N 131 
TYR CE2  C Y N 132 
TYR CZ   C Y N 133 
TYR OH   O N N 134 
TYR OXT  O N N 135 
TYR H    H N N 136 
TYR H2   H N N 137 
TYR HA   H N N 138 
TYR HB2  H N N 139 
TYR HB3  H N N 140 
TYR HD1  H N N 141 
TYR HD2  H N N 142 
TYR HE1  H N N 143 
TYR HE2  H N N 144 
TYR HH   H N N 145 
TYR HXT  H N N 146 
# 
loop_
_chem_comp_bond.comp_id 
_chem_comp_bond.atom_id_1 
_chem_comp_bond.atom_id_2 
_chem_comp_bond.value_order 
_chem_comp_bond.pdbx_aromatic_flag 
_chem_comp_bond.pdbx_stereo_config 
_chem_comp_bond.pdbx_ordinal 
ALA N   CA   sing N N 1   
ALA N   H    sing N N 2   
ALA N   H2   sing N N 3   
ALA CA  C    sing N N 4   
ALA CA  CB   sing N N 5   
ALA CA  HA   sing N N 6   
ALA C   O    doub N N 7   
ALA C   OXT  sing N N 8   
ALA CB  HB1  sing N N 9   
ALA CB  HB2  sing N N 10  
ALA CB  HB3  sing N N 11  
ALA OXT HXT  sing N N 12  
ASN N   CA   sing N N 13  
ASN N   H    sing N N 14  
ASN N   H2   sing N N 15  
ASN CA  C    sing N N 16  
ASN CA  CB   sing N N 17  
ASN CA  HA   sing N N 18  
ASN C   O    doub N N 19  
ASN C   OXT  sing N N 20  
ASN CB  CG   sing N N 21  
ASN CB  HB2  sing N N 22  
ASN CB  HB3  sing N N 23  
ASN CG  OD1  doub N N 24  
ASN CG  ND2  sing N N 25  
ASN ND2 HD21 sing N N 26  
ASN ND2 HD22 sing N N 27  
ASN OXT HXT  sing N N 28  
ASP N   CA   sing N N 29  
ASP N   H    sing N N 30  
ASP N   H2   sing N N 31  
ASP CA  C    sing N N 32  
ASP CA  CB   sing N N 33  
ASP CA  HA   sing N N 34  
ASP C   O    doub N N 35  
ASP C   OXT  sing N N 36  
ASP CB  CG   sing N N 37  
ASP CB  HB2  sing N N 38  
ASP CB  HB3  sing N N 39  
ASP CG  OD1  doub N N 40  
ASP CG  OD2  sing N N 41  
ASP OD2 HD2  sing N N 42  
ASP OXT HXT  sing N N 43  
GLY N   CA   sing N N 44  
GLY N   H    sing N N 45  
GLY N   H2   sing N N 46  
GLY CA  C    sing N N 47  
GLY CA  HA2  sing N N 48  
GLY CA  HA3  sing N N 49  
GLY C   O    doub N N 50  
GLY C   OXT  sing N N 51  
GLY OXT HXT  sing N N 52  
ILE N   CA   sing N N 53  
ILE N   H    sing N N 54  
ILE N   H2   sing N N 55  
ILE CA  C    sing N N 56  
ILE CA  CB   sing N N 57  
ILE CA  HA   sing N N 58  
ILE C   O    doub N N 59  
ILE C   OXT  sing N N 60  
ILE CB  CG1  sing N N 61  
ILE CB  CG2  sing N N 62  
ILE CB  HB   sing N N 63  
ILE CG1 CD1  sing N N 64  
ILE CG1 HG12 sing N N 65  
ILE CG1 HG13 sing N N 66  
ILE CG2 HG21 sing N N 67  
ILE CG2 HG22 sing N N 68  
ILE CG2 HG23 sing N N 69  
ILE CD1 HD11 sing N N 70  
ILE CD1 HD12 sing N N 71  
ILE CD1 HD13 sing N N 72  
ILE OXT HXT  sing N N 73  
PRO N   CA   sing N N 74  
PRO N   CD   sing N N 75  
PRO N   H    sing N N 76  
PRO CA  C    sing N N 77  
PRO CA  CB   sing N N 78  
PRO CA  HA   sing N N 79  
PRO C   O    doub N N 80  
PRO C   OXT  sing N N 81  
PRO CB  CG   sing N N 82  
PRO CB  HB2  sing N N 83  
PRO CB  HB3  sing N N 84  
PRO CG  CD   sing N N 85  
PRO CG  HG2  sing N N 86  
PRO CG  HG3  sing N N 87  
PRO CD  HD2  sing N N 88  
PRO CD  HD3  sing N N 89  
PRO OXT HXT  sing N N 90  
TRP N   CA   sing N N 91  
TRP N   H    sing N N 92  
TRP N   H2   sing N N 93  
TRP CA  C    sing N N 94  
TRP CA  CB   sing N N 95  
TRP CA  HA   sing N N 96  
TRP C   O    doub N N 97  
TRP C   OXT  sing N N 98  
TRP CB  CG   sing N N 99  
TRP CB  HB2  sing N N 100 
TRP CB  HB3  sing N N 101 
TRP CG  CD1  doub Y N 102 
TRP CG  CD2  sing Y N 103 
TRP CD1 NE1  sing Y N 104 
TRP CD1 HD1  sing N N 105 
TRP CD2 CE2  doub Y N 106 
TRP CD2 CE3  sing Y N 107 
TRP NE1 CE2  sing Y N 108 
TRP NE1 HE1  sing N N 109 
TRP CE2 CZ2  sing Y N 110 
TRP CE3 CZ3  doub Y N 111 
TRP CE3 HE3  sing N N 112 
TRP CZ2 CH2  doub Y N 113 
TRP CZ2 HZ2  sing N N 114 
TRP CZ3 CH2  sing Y N 115 
TRP CZ3 HZ3  sing N N 116 
TRP CH2 HH2  sing N N 117 
TRP OXT HXT  sing N N 118 
TYR N   CA   sing N N 119 
TYR N   H    sing N N 120 
TYR N   H2   sing N N 121 
TYR CA  C    sing N N 122 
TYR CA  CB   sing N N 123 
TYR CA  HA   sing N N 124 
TYR C   O    doub N N 125 
TYR C   OXT  sing N N 126 
TYR CB  CG   sing N N 127 
TYR CB  HB2  sing N N 128 
TYR CB  HB3  sing N N 129 
TYR CG  CD1  doub Y N 130 
TYR CG  CD2  sing Y N 131 
TYR CD1 CE1  sing Y N 132 
TYR CD1 HD1  sing N N 133 
TYR CD2 CE2  doub Y N 134 
TYR CD2 HD2  sing N N 135 
TYR CE1 CZ   doub Y N 136 
TYR CE1 HE1  sing N N 137 
TYR CE2 CZ   sing Y N 138 
TYR CE2 HE2  sing N N 139 
TYR CZ  OH   sing N N 140 
TYR OH  HH   sing N N 141 
TYR OXT HXT  sing N N 142 
# 
_atom_sites.entry_id                    1TOS 
_atom_sites.fract_transf_matrix[1][1]   1.000000 
_atom_sites.fract_transf_matrix[1][2]   0.000000 
_atom_sites.fract_transf_matrix[1][3]   0.000000 
_atom_sites.fract_transf_matrix[2][1]   0.000000 
_atom_sites.fract_transf_matrix[2][2]   1.000000 
_atom_sites.fract_transf_matrix[2][3]   0.000000 
_atom_sites.fract_transf_matrix[3][1]   0.000000 
_atom_sites.fract_transf_matrix[3][2]   0.000000 
_atom_sites.fract_transf_matrix[3][3]   1.000000 
_atom_sites.fract_transf_vector[1]      0.00000 
_atom_sites.fract_transf_vector[2]      0.00000 
_atom_sites.fract_transf_vector[3]      0.00000 
# 
loop_
_atom_type.symbol 
C 
H 
N 
O 
# 
loop_
_atom_site.group_PDB 
_atom_site.id 
_atom_site.type_symbol 
_atom_site.label_atom_id 
_atom_site.label_alt_id 
_atom_site.label_comp_id 
_atom_site.label_asym_id 
_atom_site.label_entity_id 
_atom_site.label_seq_id 
_atom_site.pdbx_PDB_ins_code 
_atom_site.Cartn_x 
_atom_site.Cartn_y 
_atom_site.Cartn_z 
_atom_site.occupancy 
_atom_site.B_iso_or_equiv 
_atom_site.pdbx_formal_charge 
_atom_site.auth_seq_id 
_atom_site.auth_comp_id 
_atom_site.auth_asym_id 
_atom_site.auth_atom_id 
_atom_site.pdbx_PDB_model_num 
ATOM 1   N N    . TRP A 1 1  ? -5.048 -0.830 5.015  1.00 0.00 ? 1  TRP A N    1 
ATOM 2   C CA   . TRP A 1 1  ? -4.612 -0.337 3.691  1.00 0.00 ? 1  TRP A CA   1 
ATOM 3   C C    . TRP A 1 1  ? -4.131 1.122  3.869  1.00 0.00 ? 1  TRP A C    1 
ATOM 4   O O    . TRP A 1 1  ? -4.926 2.064  3.887  1.00 0.00 ? 1  TRP A O    1 
ATOM 5   C CB   . TRP A 1 1  ? -5.756 -0.480 2.653  1.00 0.00 ? 1  TRP A CB   1 
ATOM 6   C CG   . TRP A 1 1  ? -5.940 -1.895 2.076  1.00 0.00 ? 1  TRP A CG   1 
ATOM 7   C CD1  . TRP A 1 1  ? -5.832 -3.127 2.757  1.00 0.00 ? 1  TRP A CD1  1 
ATOM 8   C CD2  . TRP A 1 1  ? -6.188 -2.233 0.759  1.00 0.00 ? 1  TRP A CD2  1 
ATOM 9   N NE1  . TRP A 1 1  ? -6.004 -4.216 1.879  1.00 0.00 ? 1  TRP A NE1  1 
ATOM 10  C CE2  . TRP A 1 1  ? -6.204 -3.617 0.647  1.00 0.00 ? 1  TRP A CE2  1 
ATOM 11  C CE3  . TRP A 1 1  ? -6.347 -1.430 -0.361 1.00 0.00 ? 1  TRP A CE3  1 
ATOM 12  C CZ2  . TRP A 1 1  ? -6.345 -4.221 -0.588 1.00 0.00 ? 1  TRP A CZ2  1 
ATOM 13  C CZ3  . TRP A 1 1  ? -6.526 -2.041 -1.583 1.00 0.00 ? 1  TRP A CZ3  1 
ATOM 14  C CH2  . TRP A 1 1  ? -6.510 -3.420 -1.695 1.00 0.00 ? 1  TRP A CH2  1 
ATOM 15  H H1   . TRP A 1 1  ? -5.815 -0.240 5.367  1.00 0.00 ? 1  TRP A H1   1 
ATOM 16  H H2   . TRP A 1 1  ? -5.375 -1.803 4.930  1.00 0.00 ? 1  TRP A H2   1 
ATOM 17  H H3   . TRP A 1 1  ? -4.257 -0.792 5.675  1.00 0.00 ? 1  TRP A H3   1 
ATOM 18  H HA   . TRP A 1 1  ? -3.753 -0.946 3.349  1.00 0.00 ? 1  TRP A HA   1 
ATOM 19  H HB2  . TRP A 1 1  ? -6.710 -0.119 3.079  1.00 0.00 ? 1  TRP A HB2  1 
ATOM 20  H HB3  . TRP A 1 1  ? -5.542 0.198  1.807  1.00 0.00 ? 1  TRP A HB3  1 
ATOM 21  H HD1  . TRP A 1 1  ? -5.607 -3.232 3.805  1.00 0.00 ? 1  TRP A HD1  1 
ATOM 22  H HE1  . TRP A 1 1  ? -5.959 -5.219 2.091  1.00 0.00 ? 1  TRP A HE1  1 
ATOM 23  H HE3  . TRP A 1 1  ? -6.306 -0.357 -0.292 1.00 0.00 ? 1  TRP A HE3  1 
ATOM 24  H HZ2  . TRP A 1 1  ? -6.293 -5.293 -0.699 1.00 0.00 ? 1  TRP A HZ2  1 
ATOM 25  H HZ3  . TRP A 1 1  ? -6.652 -1.437 -2.469 1.00 0.00 ? 1  TRP A HZ3  1 
ATOM 26  H HH2  . TRP A 1 1  ? -6.601 -3.880 -2.664 1.00 0.00 ? 1  TRP A HH2  1 
ATOM 27  N N    . ASN A 1 2  ? -2.809 1.282  4.041  1.00 0.00 ? 2  ASN A N    1 
ATOM 28  C CA   . ASN A 1 2  ? -2.200 2.606  4.319  1.00 0.00 ? 2  ASN A CA   1 
ATOM 29  C C    . ASN A 1 2  ? -1.340 3.060  3.100  1.00 0.00 ? 2  ASN A C    1 
ATOM 30  O O    . ASN A 1 2  ? -0.552 2.251  2.608  1.00 0.00 ? 2  ASN A O    1 
ATOM 31  C CB   . ASN A 1 2  ? -1.327 2.433  5.587  1.00 0.00 ? 2  ASN A CB   1 
ATOM 32  C CG   . ASN A 1 2  ? -0.732 3.741  6.128  1.00 0.00 ? 2  ASN A CG   1 
ATOM 33  O OD1  . ASN A 1 2  ? -1.450 4.660  6.521  1.00 0.00 ? 2  ASN A OD1  1 
ATOM 34  N ND2  . ASN A 1 2  ? 0.586  3.829  6.197  1.00 0.00 ? 2  ASN A ND2  1 
ATOM 35  H H    . ASN A 1 2  ? -2.258 0.416  4.028  1.00 0.00 ? 2  ASN A H    1 
ATOM 36  H HA   . ASN A 1 2  ? -2.995 3.338  4.543  1.00 0.00 ? 2  ASN A HA   1 
ATOM 37  H HB2  . ASN A 1 2  ? -1.932 1.985  6.400  1.00 0.00 ? 2  ASN A HB2  1 
ATOM 38  H HB3  . ASN A 1 2  ? -0.520 1.700  5.391  1.00 0.00 ? 2  ASN A HB3  1 
ATOM 39  H HD21 . ASN A 1 2  ? 1.120  3.015  5.872  1.00 0.00 ? 2  ASN A HD21 1 
ATOM 40  H HD22 . ASN A 1 2  ? 0.968  4.696  6.589  1.00 0.00 ? 2  ASN A HD22 1 
ATOM 41  N N    . PRO A 1 3  ? -1.414 4.320  2.598  1.00 0.00 ? 3  PRO A N    1 
ATOM 42  C CA   . PRO A 1 3  ? -0.609 4.784  1.437  1.00 0.00 ? 3  PRO A CA   1 
ATOM 43  C C    . PRO A 1 3  ? 0.907  4.472  1.376  1.00 0.00 ? 3  PRO A C    1 
ATOM 44  O O    . PRO A 1 3  ? 1.420  4.116  0.313  1.00 0.00 ? 3  PRO A O    1 
ATOM 45  C CB   . PRO A 1 3  ? -0.885 6.294  1.451  1.00 0.00 ? 3  PRO A CB   1 
ATOM 46  C CG   . PRO A 1 3  ? -2.318 6.389  1.965  1.00 0.00 ? 3  PRO A CG   1 
ATOM 47  C CD   . PRO A 1 3  ? -2.362 5.341  3.080  1.00 0.00 ? 3  PRO A CD   1 
ATOM 48  H HA   . PRO A 1 3  ? -1.070 4.351  0.536  1.00 0.00 ? 3  PRO A HA   1 
ATOM 49  H HB2  . PRO A 1 3  ? -0.207 6.810  2.155  1.00 0.00 ? 3  PRO A HB2  1 
ATOM 50  H HB3  . PRO A 1 3  ? -0.741 6.756  0.462  1.00 0.00 ? 3  PRO A HB3  1 
ATOM 51  H HG2  . PRO A 1 3  ? -2.599 7.403  2.308  1.00 0.00 ? 3  PRO A HG2  1 
ATOM 52  H HG3  . PRO A 1 3  ? -3.022 6.105  1.159  1.00 0.00 ? 3  PRO A HG3  1 
ATOM 53  H HD2  . PRO A 1 3  ? -2.012 5.759  4.042  1.00 0.00 ? 3  PRO A HD2  1 
ATOM 54  H HD3  . PRO A 1 3  ? -3.393 4.962  3.209  1.00 0.00 ? 3  PRO A HD3  1 
ATOM 55  N N    . ALA A 1 4  ? 1.615  4.580  2.506  1.00 0.00 ? 4  ALA A N    1 
ATOM 56  C CA   . ALA A 1 4  ? 3.064  4.240  2.550  1.00 0.00 ? 4  ALA A CA   1 
ATOM 57  C C    . ALA A 1 4  ? 3.401  2.736  2.331  1.00 0.00 ? 4  ALA A C    1 
ATOM 58  O O    . ALA A 1 4  ? 4.449  2.407  1.773  1.00 0.00 ? 4  ALA A O    1 
ATOM 59  C CB   . ALA A 1 4  ? 3.645  4.735  3.881  1.00 0.00 ? 4  ALA A CB   1 
ATOM 60  H H    . ALA A 1 4  ? 1.079  4.929  3.307  1.00 0.00 ? 4  ALA A H    1 
ATOM 61  H HA   . ALA A 1 4  ? 3.565  4.800  1.741  1.00 0.00 ? 4  ALA A HA   1 
ATOM 62  H HB1  . ALA A 1 4  ? 3.488  5.821  4.013  1.00 0.00 ? 4  ALA A HB1  1 
ATOM 63  H HB2  . ALA A 1 4  ? 3.184  4.226  4.747  1.00 0.00 ? 4  ALA A HB2  1 
ATOM 64  H HB3  . ALA A 1 4  ? 4.736  4.558  3.937  1.00 0.00 ? 4  ALA A HB3  1 
ATOM 65  N N    . ASP A 1 5  ? 2.497  1.837  2.734  1.00 0.00 ? 5  ASP A N    1 
ATOM 66  C CA   . ASP A 1 5  ? 2.665  0.374  2.513  1.00 0.00 ? 5  ASP A CA   1 
ATOM 67  C C    . ASP A 1 5  ? 2.559  -0.107 1.032  1.00 0.00 ? 5  ASP A C    1 
ATOM 68  O O    . ASP A 1 5  ? 2.853  -1.271 0.748  1.00 0.00 ? 5  ASP A O    1 
ATOM 69  C CB   . ASP A 1 5  ? 1.530  -0.297 3.328  1.00 0.00 ? 5  ASP A CB   1 
ATOM 70  C CG   . ASP A 1 5  ? 1.596  -1.825 3.422  1.00 0.00 ? 5  ASP A CG   1 
ATOM 71  O OD1  . ASP A 1 5  ? 2.416  -2.351 4.206  1.00 0.00 ? 5  ASP A OD1  1 
ATOM 72  O OD2  . ASP A 1 5  ? 0.808  -2.504 2.727  1.00 0.00 ? 5  ASP A OD2  1 
ATOM 73  H H    . ASP A 1 5  ? 1.666  2.253  3.168  1.00 0.00 ? 5  ASP A H    1 
ATOM 74  H HA   . ASP A 1 5  ? 3.644  0.060  2.924  1.00 0.00 ? 5  ASP A HA   1 
ATOM 75  H HB2  . ASP A 1 5  ? 1.510  0.096  4.355  1.00 0.00 ? 5  ASP A HB2  1 
ATOM 76  H HB3  . ASP A 1 5  ? 0.554  -0.006 2.896  1.00 0.00 ? 5  ASP A HB3  1 
ATOM 77  N N    . TYR A 1 6  ? 2.012  0.717  0.129  1.00 0.00 ? 6  TYR A N    1 
ATOM 78  C CA   . TYR A 1 6  ? 1.559  0.229  -1.194 1.00 0.00 ? 6  TYR A CA   1 
ATOM 79  C C    . TYR A 1 6  ? 2.669  -0.338 -2.122 1.00 0.00 ? 6  TYR A C    1 
ATOM 80  O O    . TYR A 1 6  ? 3.725  0.258  -2.344 1.00 0.00 ? 6  TYR A O    1 
ATOM 81  C CB   . TYR A 1 6  ? 0.763  1.346  -1.911 1.00 0.00 ? 6  TYR A CB   1 
ATOM 82  C CG   . TYR A 1 6  ? -0.627 1.722  -1.350 1.00 0.00 ? 6  TYR A CG   1 
ATOM 83  C CD1  . TYR A 1 6  ? -1.214 1.107  -0.255 1.00 0.00 ? 6  TYR A CD1  1 
ATOM 84  C CD2  . TYR A 1 6  ? -1.322 2.705  -2.017 1.00 0.00 ? 6  TYR A CD2  1 
ATOM 85  C CE1  . TYR A 1 6  ? -2.479 1.470  0.140  1.00 0.00 ? 6  TYR A CE1  1 
ATOM 86  C CE2  . TYR A 1 6  ? -2.585 3.066  -1.616 1.00 0.00 ? 6  TYR A CE2  1 
ATOM 87  C CZ   . TYR A 1 6  ? -3.163 2.444  -0.538 1.00 0.00 ? 6  TYR A CZ   1 
ATOM 88  O OH   . TYR A 1 6  ? -4.425 2.803  -0.137 1.00 0.00 ? 6  TYR A OH   1 
ATOM 89  H H    . TYR A 1 6  ? 1.765  1.645  0.494  1.00 0.00 ? 6  TYR A H    1 
ATOM 90  H HA   . TYR A 1 6  ? 0.852  -0.600 -0.997 1.00 0.00 ? 6  TYR A HA   1 
ATOM 91  H HB2  . TYR A 1 6  ? 1.390  2.255  -1.989 1.00 0.00 ? 6  TYR A HB2  1 
ATOM 92  H HB3  . TYR A 1 6  ? 0.600  1.028  -2.960 1.00 0.00 ? 6  TYR A HB3  1 
ATOM 93  H HD1  . TYR A 1 6  ? -0.694 0.337  0.310  1.00 0.00 ? 6  TYR A HD1  1 
ATOM 94  H HD2  . TYR A 1 6  ? -0.880 3.201  -2.871 1.00 0.00 ? 6  TYR A HD2  1 
ATOM 95  H HE1  . TYR A 1 6  ? -2.937 0.990  0.995  1.00 0.00 ? 6  TYR A HE1  1 
ATOM 96  H HE2  . TYR A 1 6  ? -3.125 3.832  -2.155 1.00 0.00 ? 6  TYR A HE2  1 
ATOM 97  H HH   . TYR A 1 6  ? -4.746 3.508  -0.704 1.00 0.00 ? 6  TYR A HH   1 
ATOM 98  N N    . GLY A 1 7  ? 2.343  -1.507 -2.682 1.00 0.00 ? 7  GLY A N    1 
ATOM 99  C CA   . GLY A 1 7  ? 3.215  -2.224 -3.631 1.00 0.00 ? 7  GLY A CA   1 
ATOM 100 C C    . GLY A 1 7  ? 2.369  -3.366 -4.221 1.00 0.00 ? 7  GLY A C    1 
ATOM 101 O O    . GLY A 1 7  ? 1.787  -3.226 -5.299 1.00 0.00 ? 7  GLY A O    1 
ATOM 102 H H    . GLY A 1 7  ? 1.424  -1.875 -2.411 1.00 0.00 ? 7  GLY A H    1 
ATOM 103 H HA2  . GLY A 1 7  ? 3.562  -1.549 -4.436 1.00 0.00 ? 7  GLY A HA2  1 
ATOM 104 H HA3  . GLY A 1 7  ? 4.114  -2.619 -3.121 1.00 0.00 ? 7  GLY A HA3  1 
ATOM 105 N N    . GLY A 1 8  ? 2.175  -4.428 -3.425 1.00 0.00 ? 8  GLY A N    1 
ATOM 106 C CA   . GLY A 1 8  ? 1.144  -5.445 -3.735 1.00 0.00 ? 8  GLY A CA   1 
ATOM 107 C C    . GLY A 1 8  ? -0.284 -4.930 -3.446 1.00 0.00 ? 8  GLY A C    1 
ATOM 108 O O    . GLY A 1 8  ? -1.134 -4.887 -4.338 1.00 0.00 ? 8  GLY A O    1 
ATOM 109 H H    . GLY A 1 8  ? 2.703  -4.424 -2.546 1.00 0.00 ? 8  GLY A H    1 
ATOM 110 H HA2  . GLY A 1 8  ? 1.218  -5.755 -4.789 1.00 0.00 ? 8  GLY A HA2  1 
ATOM 111 H HA3  . GLY A 1 8  ? 1.339  -6.357 -3.139 1.00 0.00 ? 8  GLY A HA3  1 
ATOM 112 N N    . ILE A 1 9  ? -0.501 -4.453 -2.214 1.00 0.00 ? 9  ILE A N    1 
ATOM 113 C CA   . ILE A 1 9  ? -1.746 -3.724 -1.848 1.00 0.00 ? 9  ILE A CA   1 
ATOM 114 C C    . ILE A 1 9  ? -1.720 -2.351 -2.575 1.00 0.00 ? 9  ILE A C    1 
ATOM 115 O O    . ILE A 1 9  ? -0.730 -1.619 -2.516 1.00 0.00 ? 9  ILE A O    1 
ATOM 116 C CB   . ILE A 1 9  ? -1.797 -3.595 -0.290 1.00 0.00 ? 9  ILE A CB   1 
ATOM 117 C CG1  . ILE A 1 9  ? -2.164 -4.953 0.358  1.00 0.00 ? 9  ILE A CG1  1 
ATOM 118 C CG2  . ILE A 1 9  ? -2.753 -2.493 0.194  1.00 0.00 ? 9  ILE A CG2  1 
ATOM 119 C CD1  . ILE A 1 9  ? -1.961 -4.997 1.878  1.00 0.00 ? 9  ILE A CD1  1 
ATOM 120 H H    . ILE A 1 9  ? 0.314  -4.519 -1.595 1.00 0.00 ? 9  ILE A H    1 
ATOM 121 H HA   . ILE A 1 9  ? -2.640 -4.295 -2.184 1.00 0.00 ? 9  ILE A HA   1 
ATOM 122 H HB   . ILE A 1 9  ? -0.805 -3.291 0.067  1.00 0.00 ? 9  ILE A HB   1 
ATOM 123 H HG12 . ILE A 1 9  ? -3.213 -5.207 0.120  1.00 0.00 ? 9  ILE A HG12 1 
ATOM 124 H HG13 . ILE A 1 9  ? -1.550 -5.755 -0.089 1.00 0.00 ? 9  ILE A HG13 1 
ATOM 125 H HG21 . ILE A 1 9  ? -3.775 -2.660 -0.174 1.00 0.00 ? 9  ILE A HG21 1 
ATOM 126 H HG22 . ILE A 1 9  ? -2.788 -2.422 1.296  1.00 0.00 ? 9  ILE A HG22 1 
ATOM 127 H HG23 . ILE A 1 9  ? -2.427 -1.506 -0.173 1.00 0.00 ? 9  ILE A HG23 1 
ATOM 128 H HD11 . ILE A 1 9  ? -0.914 -4.771 2.155  1.00 0.00 ? 9  ILE A HD11 1 
ATOM 129 H HD12 . ILE A 1 9  ? -2.617 -4.274 2.396  1.00 0.00 ? 9  ILE A HD12 1 
ATOM 130 H HD13 . ILE A 1 9  ? -2.196 -6.000 2.280  1.00 0.00 ? 9  ILE A HD13 1 
ATOM 131 N N    . ALA A 1 10 ? -2.807 -2.018 -3.280 1.00 0.00 ? 10 ALA A N    1 
ATOM 132 C CA   . ALA A 1 10 ? -2.868 -0.754 -4.038 1.00 0.00 ? 10 ALA A CA   1 
ATOM 133 C C    . ALA A 1 10 ? -4.303 -0.227 -3.974 1.00 0.00 ? 10 ALA A C    1 
ATOM 134 O O    . ALA A 1 10 ? -4.555 0.751  -3.203 1.00 0.00 ? 10 ALA A O    1 
ATOM 135 C CB   . ALA A 1 10 ? -2.421 -0.993 -5.489 1.00 0.00 ? 10 ALA A CB   1 
ATOM 136 O OXT  . ALA A 1 10 ? -5.222 -0.753 -4.675 1.00 0.00 ? 10 ALA A OXT  1 
ATOM 137 H H    . ALA A 1 10 ? -3.598 -2.671 -3.244 1.00 0.00 ? 10 ALA A H    1 
ATOM 138 H HA   . ALA A 1 10 ? -2.202 0.001  -3.581 1.00 0.00 ? 10 ALA A HA   1 
ATOM 139 H HB1  . ALA A 1 10 ? -3.031 -1.778 -5.972 1.00 0.00 ? 10 ALA A HB1  1 
ATOM 140 H HB2  . ALA A 1 10 ? -2.508 -0.072 -6.096 1.00 0.00 ? 10 ALA A HB2  1 
ATOM 141 H HB3  . ALA A 1 10 ? -1.366 -1.319 -5.541 1.00 0.00 ? 10 ALA A HB3  1 
ATOM 142 N N    . TRP A 1 1  ? -5.804 -0.191 4.603  1.00 0.00 ? 1  TRP A N    2 
ATOM 143 C CA   . TRP A 1 1  ? -4.438 -0.069 4.053  1.00 0.00 ? 1  TRP A CA   2 
ATOM 144 C C    . TRP A 1 1  ? -3.834 1.312  4.390  1.00 0.00 ? 1  TRP A C    2 
ATOM 145 O O    . TRP A 1 1  ? -4.541 2.293  4.640  1.00 0.00 ? 1  TRP A O    2 
ATOM 146 C CB   . TRP A 1 1  ? -4.459 -0.319 2.531  1.00 0.00 ? 1  TRP A CB   2 
ATOM 147 C CG   . TRP A 1 1  ? -4.812 -1.739 2.093  1.00 0.00 ? 1  TRP A CG   2 
ATOM 148 C CD1  . TRP A 1 1  ? -4.467 -2.929 2.752  1.00 0.00 ? 1  TRP A CD1  2 
ATOM 149 C CD2  . TRP A 1 1  ? -5.388 -2.125 0.907  1.00 0.00 ? 1  TRP A CD2  2 
ATOM 150 N NE1  . TRP A 1 1  ? -4.838 -4.057 1.996  1.00 0.00 ? 1  TRP A NE1  2 
ATOM 151 C CE2  . TRP A 1 1  ? -5.386 -3.512 0.847  1.00 0.00 ? 1  TRP A CE2  2 
ATOM 152 C CE3  . TRP A 1 1  ? -5.826 -1.367 -0.163 1.00 0.00 ? 1  TRP A CE3  2 
ATOM 153 C CZ2  . TRP A 1 1  ? -5.797 -4.163 -0.299 1.00 0.00 ? 1  TRP A CZ2  2 
ATOM 154 C CZ3  . TRP A 1 1  ? -6.272 -2.023 -1.288 1.00 0.00 ? 1  TRP A CZ3  2 
ATOM 155 C CH2  . TRP A 1 1  ? -6.243 -3.406 -1.359 1.00 0.00 ? 1  TRP A CH2  2 
ATOM 156 H H1   . TRP A 1 1  ? -5.774 -0.082 5.627  1.00 0.00 ? 1  TRP A H1   2 
ATOM 157 H H2   . TRP A 1 1  ? -6.404 0.542  4.199  1.00 0.00 ? 1  TRP A H2   2 
ATOM 158 H H3   . TRP A 1 1  ? -6.188 -1.118 4.368  1.00 0.00 ? 1  TRP A H3   2 
ATOM 159 H HA   . TRP A 1 1  ? -3.806 -0.841 4.530  1.00 0.00 ? 1  TRP A HA   2 
ATOM 160 H HB2  . TRP A 1 1  ? -5.134 0.401  2.042  1.00 0.00 ? 1  TRP A HB2  2 
ATOM 161 H HB3  . TRP A 1 1  ? -3.457 -0.111 2.125  1.00 0.00 ? 1  TRP A HB3  2 
ATOM 162 H HD1  . TRP A 1 1  ? -3.935 -2.963 3.687  1.00 0.00 ? 1  TRP A HD1  2 
ATOM 163 H HE1  . TRP A 1 1  ? -4.664 -5.046 2.204  1.00 0.00 ? 1  TRP A HE1  2 
ATOM 164 H HE3  . TRP A 1 1  ? -5.777 -0.295 -0.134 1.00 0.00 ? 1  TRP A HE3  2 
ATOM 165 H HZ2  . TRP A 1 1  ? -5.730 -5.237 -0.384 1.00 0.00 ? 1  TRP A HZ2  2 
ATOM 166 H HZ3  . TRP A 1 1  ? -6.614 -1.451 -2.140 1.00 0.00 ? 1  TRP A HZ3  2 
ATOM 167 H HH2  . TRP A 1 1  ? -6.534 -3.906 -2.263 1.00 0.00 ? 1  TRP A HH2  2 
ATOM 168 N N    . ASN A 1 2  ? -2.497 1.357  4.422  1.00 0.00 ? 2  ASN A N    2 
ATOM 169 C CA   . ASN A 1 2  ? -1.763 2.580  4.811  1.00 0.00 ? 2  ASN A CA   2 
ATOM 170 C C    . ASN A 1 2  ? -1.026 3.142  3.562  1.00 0.00 ? 2  ASN A C    2 
ATOM 171 O O    . ASN A 1 2  ? -0.155 2.445  3.041  1.00 0.00 ? 2  ASN A O    2 
ATOM 172 C CB   . ASN A 1 2  ? -0.779 2.160  5.930  1.00 0.00 ? 2  ASN A CB   2 
ATOM 173 C CG   . ASN A 1 2  ? -0.011 3.323  6.569  1.00 0.00 ? 2  ASN A CG   2 
ATOM 174 O OD1  . ASN A 1 2  ? -0.548 4.402  6.815  1.00 0.00 ? 2  ASN A OD1  2 
ATOM 175 N ND2  . ASN A 1 2  ? 1.251  3.096  6.894  1.00 0.00 ? 2  ASN A ND2  2 
ATOM 176 H H    . ASN A 1 2  ? -2.019 0.482  4.183  1.00 0.00 ? 2  ASN A H    2 
ATOM 177 H HA   . ASN A 1 2  ? -2.460 3.327  5.234  1.00 0.00 ? 2  ASN A HA   2 
ATOM 178 H HB2  . ASN A 1 2  ? -1.333 1.641  6.738  1.00 0.00 ? 2  ASN A HB2  2 
ATOM 179 H HB3  . ASN A 1 2  ? -0.068 1.407  5.537  1.00 0.00 ? 2  ASN A HB3  2 
ATOM 180 H HD21 . ASN A 1 2  ? 1.618  2.162  6.677  1.00 0.00 ? 2  ASN A HD21 2 
ATOM 181 H HD22 . ASN A 1 2  ? 1.752  3.862  7.356  1.00 0.00 ? 2  ASN A HD22 2 
ATOM 182 N N    . PRO A 1 3  ? -1.331 4.359  3.043  1.00 0.00 ? 3  PRO A N    2 
ATOM 183 C CA   . PRO A 1 3  ? -0.690 4.928  1.824  1.00 0.00 ? 3  PRO A CA   2 
ATOM 184 C C    . PRO A 1 3  ? 0.826  4.761  1.566  1.00 0.00 ? 3  PRO A C    2 
ATOM 185 O O    . PRO A 1 3  ? 1.223  4.502  0.428  1.00 0.00 ? 3  PRO A O    2 
ATOM 186 C CB   . PRO A 1 3  ? -1.087 6.404  1.972  1.00 0.00 ? 3  PRO A CB   2 
ATOM 187 C CG   . PRO A 1 3  ? -2.514 6.303  2.503  1.00 0.00 ? 3  PRO A CG   2 
ATOM 188 C CD   . PRO A 1 3  ? -2.388 5.232  3.586  1.00 0.00 ? 3  PRO A CD   2 
ATOM 189 H HA   . PRO A 1 3  ? -1.215 4.501  0.947  1.00 0.00 ? 3  PRO A HA   2 
ATOM 190 H HB2  . PRO A 1 3  ? -0.448 6.912  2.720  1.00 0.00 ? 3  PRO A HB2  2 
ATOM 191 H HB3  . PRO A 1 3  ? -0.999 6.967  1.030  1.00 0.00 ? 3  PRO A HB3  2 
ATOM 192 H HG2  . PRO A 1 3  ? -2.924 7.260  2.876  1.00 0.00 ? 3  PRO A HG2  2 
ATOM 193 H HG3  . PRO A 1 3  ? -3.183 5.947  1.696  1.00 0.00 ? 3  PRO A HG3  2 
ATOM 194 H HD2  . PRO A 1 3  ? -2.060 5.669  4.548  1.00 0.00 ? 3  PRO A HD2  2 
ATOM 195 H HD3  . PRO A 1 3  ? -3.350 4.710  3.742  1.00 0.00 ? 3  PRO A HD3  2 
ATOM 196 N N    . ALA A 1 4  ? 1.667  4.884  2.596  1.00 0.00 ? 4  ALA A N    2 
ATOM 197 C CA   . ALA A 1 4  ? 3.125  4.652  2.421  1.00 0.00 ? 4  ALA A CA   2 
ATOM 198 C C    . ALA A 1 4  ? 3.546  3.162  2.278  1.00 0.00 ? 4  ALA A C    2 
ATOM 199 O O    . ALA A 1 4  ? 4.645  2.874  1.799  1.00 0.00 ? 4  ALA A O    2 
ATOM 200 C CB   . ALA A 1 4  ? 3.876  5.279  3.605  1.00 0.00 ? 4  ALA A CB   2 
ATOM 201 H H    . ALA A 1 4  ? 1.219  5.117  3.489  1.00 0.00 ? 4  ALA A H    2 
ATOM 202 H HA   . ALA A 1 4  ? 3.449  5.174  1.504  1.00 0.00 ? 4  ALA A HA   2 
ATOM 203 H HB1  . ALA A 1 4  ? 3.653  6.357  3.706  1.00 0.00 ? 4  ALA A HB1  2 
ATOM 204 H HB2  . ALA A 1 4  ? 3.614  4.793  4.563  1.00 0.00 ? 4  ALA A HB2  2 
ATOM 205 H HB3  . ALA A 1 4  ? 4.971  5.186  3.479  1.00 0.00 ? 4  ALA A HB3  2 
ATOM 206 N N    . ASP A 1 5  ? 2.698  2.230  2.727  1.00 0.00 ? 5  ASP A N    2 
ATOM 207 C CA   . ASP A 1 5  ? 3.038  0.786  2.745  1.00 0.00 ? 5  ASP A CA   2 
ATOM 208 C C    . ASP A 1 5  ? 2.335  -0.002 1.609  1.00 0.00 ? 5  ASP A C    2 
ATOM 209 O O    . ASP A 1 5  ? 1.580  -0.953 1.836  1.00 0.00 ? 5  ASP A O    2 
ATOM 210 C CB   . ASP A 1 5  ? 2.545  0.297  4.113  1.00 0.00 ? 5  ASP A CB   2 
ATOM 211 C CG   . ASP A 1 5  ? 3.087  -1.065 4.566  1.00 0.00 ? 5  ASP A CG   2 
ATOM 212 O OD1  . ASP A 1 5  ? 4.178  -1.477 4.111  1.00 0.00 ? 5  ASP A OD1  2 
ATOM 213 O OD2  . ASP A 1 5  ? 2.438  -1.708 5.419  1.00 0.00 ? 5  ASP A OD2  2 
ATOM 214 H H    . ASP A 1 5  ? 1.818  2.605  3.095  1.00 0.00 ? 5  ASP A H    2 
ATOM 215 H HA   . ASP A 1 5  ? 4.135  0.654  2.676  1.00 0.00 ? 5  ASP A HA   2 
ATOM 216 H HB2  . ASP A 1 5  ? 2.792  1.035  4.889  1.00 0.00 ? 5  ASP A HB2  2 
ATOM 217 H HB3  . ASP A 1 5  ? 1.442  0.279  4.064  1.00 0.00 ? 5  ASP A HB3  2 
ATOM 218 N N    . TYR A 1 6  ? 2.562  0.448  0.380  1.00 0.00 ? 6  TYR A N    2 
ATOM 219 C CA   . TYR A 1 6  ? 1.879  -0.117 -0.809 1.00 0.00 ? 6  TYR A CA   2 
ATOM 220 C C    . TYR A 1 6  ? 2.879  -0.848 -1.739 1.00 0.00 ? 6  TYR A C    2 
ATOM 221 O O    . TYR A 1 6  ? 4.099  -0.819 -1.564 1.00 0.00 ? 6  TYR A O    2 
ATOM 222 C CB   . TYR A 1 6  ? 1.141  1.025  -1.567 1.00 0.00 ? 6  TYR A CB   2 
ATOM 223 C CG   . TYR A 1 6  ? -0.284 1.358  -1.092 1.00 0.00 ? 6  TYR A CG   2 
ATOM 224 C CD1  . TYR A 1 6  ? -0.673 1.241  0.224  1.00 0.00 ? 6  TYR A CD1  2 
ATOM 225 C CD2  . TYR A 1 6  ? -1.202 1.786  -2.023 1.00 0.00 ? 6  TYR A CD2  2 
ATOM 226 C CE1  . TYR A 1 6  ? -1.952 1.561  0.599  1.00 0.00 ? 6  TYR A CE1  2 
ATOM 227 C CE2  . TYR A 1 6  ? -2.489 2.086  -1.651 1.00 0.00 ? 6  TYR A CE2  2 
ATOM 228 C CZ   . TYR A 1 6  ? -2.863 1.976  -0.335 1.00 0.00 ? 6  TYR A CZ   2 
ATOM 229 O OH   . TYR A 1 6  ? -4.146 2.279  0.040  1.00 0.00 ? 6  TYR A OH   2 
ATOM 230 H H    . TYR A 1 6  ? 3.159  1.278  0.376  1.00 0.00 ? 6  TYR A H    2 
ATOM 231 H HA   . TYR A 1 6  ? 1.127  -0.870 -0.500 1.00 0.00 ? 6  TYR A HA   2 
ATOM 232 H HB2  . TYR A 1 6  ? 1.761  1.942  -1.576 1.00 0.00 ? 6  TYR A HB2  2 
ATOM 233 H HB3  . TYR A 1 6  ? 1.060  0.743  -2.633 1.00 0.00 ? 6  TYR A HB3  2 
ATOM 234 H HD1  . TYR A 1 6  ? 0.017  0.887  0.967  1.00 0.00 ? 6  TYR A HD1  2 
ATOM 235 H HD2  . TYR A 1 6  ? -0.918 1.889  -3.059 1.00 0.00 ? 6  TYR A HD2  2 
ATOM 236 H HE1  . TYR A 1 6  ? -2.226 1.480  1.640  1.00 0.00 ? 6  TYR A HE1  2 
ATOM 237 H HE2  . TYR A 1 6  ? -3.204 2.411  -2.392 1.00 0.00 ? 6  TYR A HE2  2 
ATOM 238 H HH   . TYR A 1 6  ? -4.649 2.527  -0.740 1.00 0.00 ? 6  TYR A HH   2 
ATOM 239 N N    . GLY A 1 7  ? 2.308  -1.532 -2.735 1.00 0.00 ? 7  GLY A N    2 
ATOM 240 C CA   . GLY A 1 7  ? 3.098  -2.288 -3.720 1.00 0.00 ? 7  GLY A CA   2 
ATOM 241 C C    . GLY A 1 7  ? 2.134  -3.216 -4.466 1.00 0.00 ? 7  GLY A C    2 
ATOM 242 O O    . GLY A 1 7  ? 1.352  -2.765 -5.307 1.00 0.00 ? 7  GLY A O    2 
ATOM 243 H H    . GLY A 1 7  ? 1.284  -1.468 -2.781 1.00 0.00 ? 7  GLY A H    2 
ATOM 244 H HA2  . GLY A 1 7  ? 3.582  -1.592 -4.430 1.00 0.00 ? 7  GLY A HA2  2 
ATOM 245 H HA3  . GLY A 1 7  ? 3.904  -2.862 -3.223 1.00 0.00 ? 7  GLY A HA3  2 
ATOM 246 N N    . GLY A 1 8  ? 2.091  -4.486 -4.045 1.00 0.00 ? 8  GLY A N    2 
ATOM 247 C CA   . GLY A 1 8  ? 1.001  -5.396 -4.476 1.00 0.00 ? 8  GLY A CA   2 
ATOM 248 C C    . GLY A 1 8  ? -0.386 -4.989 -3.924 1.00 0.00 ? 8  GLY A C    2 
ATOM 249 O O    . GLY A 1 8  ? -1.386 -5.025 -4.643 1.00 0.00 ? 8  GLY A O    2 
ATOM 250 H H    . GLY A 1 8  ? 2.764  -4.732 -3.311 1.00 0.00 ? 8  GLY A H    2 
ATOM 251 H HA2  . GLY A 1 8  ? 0.955  -5.414 -5.578 1.00 0.00 ? 8  GLY A HA2  2 
ATOM 252 H HA3  . GLY A 1 8  ? 1.237  -6.429 -4.165 1.00 0.00 ? 8  GLY A HA3  2 
ATOM 253 N N    . ILE A 1 9  ? -0.393 -4.456 -2.694 1.00 0.00 ? 9  ILE A N    2 
ATOM 254 C CA   . ILE A 1 9  ? -1.549 -3.699 -2.162 1.00 0.00 ? 9  ILE A CA   2 
ATOM 255 C C    . ILE A 1 9  ? -1.677 -2.421 -3.017 1.00 0.00 ? 9  ILE A C    2 
ATOM 256 O O    . ILE A 1 9  ? -0.711 -1.672 -3.188 1.00 0.00 ? 9  ILE A O    2 
ATOM 257 C CB   . ILE A 1 9  ? -1.269 -3.353 -0.672 1.00 0.00 ? 9  ILE A CB   2 
ATOM 258 C CG1  . ILE A 1 9  ? -1.376 -4.627 0.195  1.00 0.00 ? 9  ILE A CG1  2 
ATOM 259 C CG2  . ILE A 1 9  ? -2.226 -2.278 -0.142 1.00 0.00 ? 9  ILE A CG2  2 
ATOM 260 C CD1  . ILE A 1 9  ? -0.785 -4.464 1.595  1.00 0.00 ? 9  ILE A CD1  2 
ATOM 261 H H    . ILE A 1 9  ? 0.533  -4.431 -2.256 1.00 0.00 ? 9  ILE A H    2 
ATOM 262 H HA   . ILE A 1 9  ? -2.479 -4.307 -2.238 1.00 0.00 ? 9  ILE A HA   2 
ATOM 263 H HB   . ILE A 1 9  ? -0.259 -2.926 -0.587 1.00 0.00 ? 9  ILE A HB   2 
ATOM 264 H HG12 . ILE A 1 9  ? -2.437 -4.930 0.272  1.00 0.00 ? 9  ILE A HG12 2 
ATOM 265 H HG13 . ILE A 1 9  ? -0.860 -5.474 -0.293 1.00 0.00 ? 9  ILE A HG13 2 
ATOM 266 H HG21 . ILE A 1 9  ? -3.262 -2.593 -0.309 1.00 0.00 ? 9  ILE A HG21 2 
ATOM 267 H HG22 . ILE A 1 9  ? -2.087 -2.078 0.934  1.00 0.00 ? 9  ILE A HG22 2 
ATOM 268 H HG23 . ILE A 1 9  ? -2.092 -1.314 -0.665 1.00 0.00 ? 9  ILE A HG23 2 
ATOM 269 H HD11 . ILE A 1 9  ? -1.173 -3.576 2.123  1.00 0.00 ? 9  ILE A HD11 2 
ATOM 270 H HD12 . ILE A 1 9  ? -1.048 -5.339 2.206  1.00 0.00 ? 9  ILE A HD12 2 
ATOM 271 H HD13 . ILE A 1 9  ? 0.319  -4.380 1.559  1.00 0.00 ? 9  ILE A HD13 2 
ATOM 272 N N    . ALA A 1 10 ? -2.853 -2.217 -3.609 1.00 0.00 ? 10 ALA A N    2 
ATOM 273 C CA   . ALA A 1 10 ? -3.010 -1.126 -4.576 1.00 0.00 ? 10 ALA A CA   2 
ATOM 274 C C    . ALA A 1 10 ? -4.467 -0.658 -4.572 1.00 0.00 ? 10 ALA A C    2 
ATOM 275 O O    . ALA A 1 10 ? -5.381 -1.456 -4.943 1.00 0.00 ? 10 ALA A O    2 
ATOM 276 C CB   . ALA A 1 10 ? -2.607 -1.672 -5.958 1.00 0.00 ? 10 ALA A CB   2 
ATOM 277 O OXT  . ALA A 1 10 ? -4.759 0.521  -4.201 1.00 0.00 ? 10 ALA A OXT  2 
ATOM 278 H H    . ALA A 1 10 ? -3.610 -2.872 -3.383 1.00 0.00 ? 10 ALA A H    2 
ATOM 279 H HA   . ALA A 1 10 ? -2.356 -0.277 -4.274 1.00 0.00 ? 10 ALA A HA   2 
ATOM 280 H HB1  . ALA A 1 10 ? -3.199 -2.571 -6.220 1.00 0.00 ? 10 ALA A HB1  2 
ATOM 281 H HB2  . ALA A 1 10 ? -2.753 -0.927 -6.761 1.00 0.00 ? 10 ALA A HB2  2 
ATOM 282 H HB3  . ALA A 1 10 ? -1.543 -1.977 -5.982 1.00 0.00 ? 10 ALA A HB3  2 
ATOM 283 N N    . TRP A 1 1  ? -4.598 -1.223 4.827  1.00 0.00 ? 1  TRP A N    3 
ATOM 284 C CA   . TRP A 1 1  ? -4.533 -0.291 3.682  1.00 0.00 ? 1  TRP A CA   3 
ATOM 285 C C    . TRP A 1 1  ? -4.008 1.055  4.200  1.00 0.00 ? 1  TRP A C    3 
ATOM 286 O O    . TRP A 1 1  ? -4.694 1.779  4.927  1.00 0.00 ? 1  TRP A O    3 
ATOM 287 C CB   . TRP A 1 1  ? -5.905 -0.117 2.995  1.00 0.00 ? 1  TRP A CB   3 
ATOM 288 C CG   . TRP A 1 1  ? -6.368 -1.337 2.197  1.00 0.00 ? 1  TRP A CG   3 
ATOM 289 C CD1  . TRP A 1 1  ? -6.719 -2.590 2.731  1.00 0.00 ? 1  TRP A CD1  3 
ATOM 290 C CD2  . TRP A 1 1  ? -6.548 -1.452 0.831  1.00 0.00 ? 1  TRP A CD2  3 
ATOM 291 N NE1  . TRP A 1 1  ? -7.093 -3.493 1.722  1.00 0.00 ? 1  TRP A NE1  3 
ATOM 292 C CE2  . TRP A 1 1  ? -6.980 -2.752 0.556  1.00 0.00 ? 1  TRP A CE2  3 
ATOM 293 C CE3  . TRP A 1 1  ? -6.375 -0.530 -0.193 1.00 0.00 ? 1  TRP A CE3  3 
ATOM 294 C CZ2  . TRP A 1 1  ? -7.239 -3.141 -0.747 1.00 0.00 ? 1  TRP A CZ2  3 
ATOM 295 C CZ3  . TRP A 1 1  ? -6.649 -0.929 -1.483 1.00 0.00 ? 1  TRP A CZ3  3 
ATOM 296 C CH2  . TRP A 1 1  ? -7.074 -2.217 -1.756 1.00 0.00 ? 1  TRP A CH2  3 
ATOM 297 H H1   . TRP A 1 1  ? -5.233 -0.843 5.544  1.00 0.00 ? 1  TRP A H1   3 
ATOM 298 H H2   . TRP A 1 1  ? -4.948 -2.137 4.508  1.00 0.00 ? 1  TRP A H2   3 
ATOM 299 H H3   . TRP A 1 1  ? -3.657 -1.338 5.230  1.00 0.00 ? 1  TRP A H3   3 
ATOM 300 H HA   . TRP A 1 1  ? -3.821 -0.703 2.939  1.00 0.00 ? 1  TRP A HA   3 
ATOM 301 H HB2  . TRP A 1 1  ? -6.672 0.155  3.745  1.00 0.00 ? 1  TRP A HB2  3 
ATOM 302 H HB3  . TRP A 1 1  ? -5.852 0.751  2.312  1.00 0.00 ? 1  TRP A HB3  3 
ATOM 303 H HD1  . TRP A 1 1  ? -6.700 -2.837 3.781  1.00 0.00 ? 1  TRP A HD1  3 
ATOM 304 H HE1  . TRP A 1 1  ? -7.396 -4.466 1.830  1.00 0.00 ? 1  TRP A HE1  3 
ATOM 305 H HE3  . TRP A 1 1  ? -6.043 0.480  0.007  1.00 0.00 ? 1  TRP A HE3  3 
ATOM 306 H HZ2  . TRP A 1 1  ? -7.570 -4.146 -0.969 1.00 0.00 ? 1  TRP A HZ2  3 
ATOM 307 H HZ3  . TRP A 1 1  ? -6.536 -0.227 -2.294 1.00 0.00 ? 1  TRP A HZ3  3 
ATOM 308 H HH2  . TRP A 1 1  ? -7.284 -2.502 -2.776 1.00 0.00 ? 1  TRP A HH2  3 
ATOM 309 N N    . ASN A 1 2  ? -2.772 1.374  3.816  1.00 0.00 ? 2  ASN A N    3 
ATOM 310 C CA   . ASN A 1 2  ? -2.119 2.632  4.227  1.00 0.00 ? 2  ASN A CA   3 
ATOM 311 C C    . ASN A 1 2  ? -1.268 3.119  3.024  1.00 0.00 ? 2  ASN A C    3 
ATOM 312 O O    . ASN A 1 2  ? -0.547 2.300  2.448  1.00 0.00 ? 2  ASN A O    3 
ATOM 313 C CB   . ASN A 1 2  ? -1.272 2.358  5.490  1.00 0.00 ? 2  ASN A CB   3 
ATOM 314 C CG   . ASN A 1 2  ? -0.685 3.621  6.133  1.00 0.00 ? 2  ASN A CG   3 
ATOM 315 O OD1  . ASN A 1 2  ? -1.406 4.541  6.520  1.00 0.00 ? 2  ASN A OD1  3 
ATOM 316 N ND2  . ASN A 1 2  ? 0.626  3.675  6.290  1.00 0.00 ? 2  ASN A ND2  3 
ATOM 317 H H    . ASN A 1 2  ? -2.308 0.683  3.215  1.00 0.00 ? 2  ASN A H    3 
ATOM 318 H HA   . ASN A 1 2  ? -2.895 3.374  4.483  1.00 0.00 ? 2  ASN A HA   3 
ATOM 319 H HB2  . ASN A 1 2  ? -1.908 1.872  6.253  1.00 0.00 ? 2  ASN A HB2  3 
ATOM 320 H HB3  . ASN A 1 2  ? -0.474 1.624  5.264  1.00 0.00 ? 2  ASN A HB3  3 
ATOM 321 H HD21 . ASN A 1 2  ? 1.162  2.856  5.981  1.00 0.00 ? 2  ASN A HD21 3 
ATOM 322 H HD22 . ASN A 1 2  ? 1.000  4.519  6.739  1.00 0.00 ? 2  ASN A HD22 3 
ATOM 323 N N    . PRO A 1 3  ? -1.303 4.404  2.594  1.00 0.00 ? 3  PRO A N    3 
ATOM 324 C CA   . PRO A 1 3  ? -0.553 4.880  1.408  1.00 0.00 ? 3  PRO A CA   3 
ATOM 325 C C    . PRO A 1 3  ? 0.950  4.542  1.298  1.00 0.00 ? 3  PRO A C    3 
ATOM 326 O O    . PRO A 1 3  ? 1.414  4.176  0.218  1.00 0.00 ? 3  PRO A O    3 
ATOM 327 C CB   . PRO A 1 3  ? -0.812 6.392  1.442  1.00 0.00 ? 3  PRO A CB   3 
ATOM 328 C CG   . PRO A 1 3  ? -2.204 6.491  2.063  1.00 0.00 ? 3  PRO A CG   3 
ATOM 329 C CD   . PRO A 1 3  ? -2.159 5.451  3.180  1.00 0.00 ? 3  PRO A CD   3 
ATOM 330 H HA   . PRO A 1 3  ? -1.060 4.464  0.522  1.00 0.00 ? 3  PRO A HA   3 
ATOM 331 H HB2  . PRO A 1 3  ? -0.084 6.904  2.097  1.00 0.00 ? 3  PRO A HB2  3 
ATOM 332 H HB3  . PRO A 1 3  ? -0.750 6.863  0.444  1.00 0.00 ? 3  PRO A HB3  3 
ATOM 333 H HG2  . PRO A 1 3  ? -2.454 7.507  2.420  1.00 0.00 ? 3  PRO A HG2  3 
ATOM 334 H HG3  . PRO A 1 3  ? -2.969 6.203  1.315  1.00 0.00 ? 3  PRO A HG3  3 
ATOM 335 H HD2  . PRO A 1 3  ? -1.679 5.859  4.090  1.00 0.00 ? 3  PRO A HD2  3 
ATOM 336 H HD3  . PRO A 1 3  ? -3.178 5.113  3.440  1.00 0.00 ? 3  PRO A HD3  3 
ATOM 337 N N    . ALA A 1 4  ? 1.697  4.614  2.408  1.00 0.00 ? 4  ALA A N    3 
ATOM 338 C CA   . ALA A 1 4  ? 3.123  4.225  2.417  1.00 0.00 ? 4  ALA A CA   3 
ATOM 339 C C    . ALA A 1 4  ? 3.381  2.712  2.201  1.00 0.00 ? 4  ALA A C    3 
ATOM 340 O O    . ALA A 1 4  ? 4.312  2.351  1.478  1.00 0.00 ? 4  ALA A O    3 
ATOM 341 C CB   . ALA A 1 4  ? 3.739  4.700  3.737  1.00 0.00 ? 4  ALA A CB   3 
ATOM 342 H H    . ALA A 1 4  ? 1.205  4.918  3.255  1.00 0.00 ? 4  ALA A H    3 
ATOM 343 H HA   . ALA A 1 4  ? 3.627  4.770  1.596  1.00 0.00 ? 4  ALA A HA   3 
ATOM 344 H HB1  . ALA A 1 4  ? 3.609  5.789  3.875  1.00 0.00 ? 4  ALA A HB1  3 
ATOM 345 H HB2  . ALA A 1 4  ? 3.274  4.195  4.605  1.00 0.00 ? 4  ALA A HB2  3 
ATOM 346 H HB3  . ALA A 1 4  ? 4.823  4.491  3.768  1.00 0.00 ? 4  ALA A HB3  3 
ATOM 347 N N    . ASP A 1 5  ? 2.545  1.831  2.773  1.00 0.00 ? 5  ASP A N    3 
ATOM 348 C CA   . ASP A 1 5  ? 2.672  0.369  2.556  1.00 0.00 ? 5  ASP A CA   3 
ATOM 349 C C    . ASP A 1 5  ? 2.191  -0.149 1.163  1.00 0.00 ? 5  ASP A C    3 
ATOM 350 O O    . ASP A 1 5  ? 2.147  -1.362 0.943  1.00 0.00 ? 5  ASP A O    3 
ATOM 351 C CB   . ASP A 1 5  ? 1.905  -0.310 3.715  1.00 0.00 ? 5  ASP A CB   3 
ATOM 352 C CG   . ASP A 1 5  ? 2.229  -1.795 3.906  1.00 0.00 ? 5  ASP A CG   3 
ATOM 353 O OD1  . ASP A 1 5  ? 3.300  -2.109 4.469  1.00 0.00 ? 5  ASP A OD1  3 
ATOM 354 O OD2  . ASP A 1 5  ? 1.418  -2.653 3.495  1.00 0.00 ? 5  ASP A OD2  3 
ATOM 355 H H    . ASP A 1 5  ? 1.809  2.242  3.357  1.00 0.00 ? 5  ASP A H    3 
ATOM 356 H HA   . ASP A 1 5  ? 3.739  0.102  2.660  1.00 0.00 ? 5  ASP A HA   3 
ATOM 357 H HB2  . ASP A 1 5  ? 2.139  0.194  4.671  1.00 0.00 ? 5  ASP A HB2  3 
ATOM 358 H HB3  . ASP A 1 5  ? 0.815  -0.183 3.580  1.00 0.00 ? 5  ASP A HB3  3 
ATOM 359 N N    . TYR A 1 6  ? 1.867  0.732  0.201  1.00 0.00 ? 6  TYR A N    3 
ATOM 360 C CA   . TYR A 1 6  ? 1.398  0.297  -1.133 1.00 0.00 ? 6  TYR A CA   3 
ATOM 361 C C    . TYR A 1 6  ? 2.539  -0.299 -1.988 1.00 0.00 ? 6  TYR A C    3 
ATOM 362 O O    . TYR A 1 6  ? 3.610  0.287  -2.162 1.00 0.00 ? 6  TYR A O    3 
ATOM 363 C CB   . TYR A 1 6  ? 0.722  1.469  -1.887 1.00 0.00 ? 6  TYR A CB   3 
ATOM 364 C CG   . TYR A 1 6  ? -0.668 1.936  -1.421 1.00 0.00 ? 6  TYR A CG   3 
ATOM 365 C CD1  . TYR A 1 6  ? -1.441 1.246  -0.508 1.00 0.00 ? 6  TYR A CD1  3 
ATOM 366 C CD2  . TYR A 1 6  ? -1.175 3.079  -1.998 1.00 0.00 ? 6  TYR A CD2  3 
ATOM 367 C CE1  . TYR A 1 6  ? -2.695 1.695  -0.180 1.00 0.00 ? 6  TYR A CE1  3 
ATOM 368 C CE2  . TYR A 1 6  ? -2.431 3.526  -1.670 1.00 0.00 ? 6  TYR A CE2  3 
ATOM 369 C CZ   . TYR A 1 6  ? -3.189 2.834  -0.762 1.00 0.00 ? 6  TYR A CZ   3 
ATOM 370 O OH   . TYR A 1 6  ? -4.443 3.276  -0.436 1.00 0.00 ? 6  TYR A OH   3 
ATOM 371 H H    . TYR A 1 6  ? 1.908  1.720  0.473  1.00 0.00 ? 6  TYR A H    3 
ATOM 372 H HA   . TYR A 1 6  ? 0.636  -0.491 -0.982 1.00 0.00 ? 6  TYR A HA   3 
ATOM 373 H HB2  . TYR A 1 6  ? 1.416  2.331  -1.904 1.00 0.00 ? 6  TYR A HB2  3 
ATOM 374 H HB3  . TYR A 1 6  ? 0.611  1.181  -2.950 1.00 0.00 ? 6  TYR A HB3  3 
ATOM 375 H HD1  . TYR A 1 6  ? -1.077 0.342  -0.042 1.00 0.00 ? 6  TYR A HD1  3 
ATOM 376 H HD2  . TYR A 1 6  ? -0.590 3.632  -2.719 1.00 0.00 ? 6  TYR A HD2  3 
ATOM 377 H HE1  . TYR A 1 6  ? -3.291 1.147  0.532  1.00 0.00 ? 6  TYR A HE1  3 
ATOM 378 H HE2  . TYR A 1 6  ? -2.815 4.421  -2.132 1.00 0.00 ? 6  TYR A HE2  3 
ATOM 379 H HH   . TYR A 1 6  ? -4.634 4.076  -0.931 1.00 0.00 ? 6  TYR A HH   3 
ATOM 380 N N    . GLY A 1 7  ? 2.259  -1.486 -2.524 1.00 0.00 ? 7  GLY A N    3 
ATOM 381 C CA   . GLY A 1 7  ? 3.215  -2.230 -3.362 1.00 0.00 ? 7  GLY A CA   3 
ATOM 382 C C    . GLY A 1 7  ? 2.463  -3.398 -4.005 1.00 0.00 ? 7  GLY A C    3 
ATOM 383 O O    . GLY A 1 7  ? 2.031  -3.311 -5.157 1.00 0.00 ? 7  GLY A O    3 
ATOM 384 H H    . GLY A 1 7  ? 1.330  -1.855 -2.295 1.00 0.00 ? 7  GLY A H    3 
ATOM 385 H HA2  . GLY A 1 7  ? 3.640  -1.578 -4.148 1.00 0.00 ? 7  GLY A HA2  3 
ATOM 386 H HA3  . GLY A 1 7  ? 4.059  -2.599 -2.749 1.00 0.00 ? 7  GLY A HA3  3 
ATOM 387 N N    . GLY A 1 8  ? 2.192  -4.435 -3.205 1.00 0.00 ? 8  GLY A N    3 
ATOM 388 C CA   . GLY A 1 8  ? 1.193  -5.454 -3.587 1.00 0.00 ? 8  GLY A CA   3 
ATOM 389 C C    . GLY A 1 8  ? -0.246 -4.911 -3.450 1.00 0.00 ? 8  GLY A C    3 
ATOM 390 O O    . GLY A 1 8  ? -1.011 -4.911 -4.416 1.00 0.00 ? 8  GLY A O    3 
ATOM 391 H H    . GLY A 1 8  ? 2.563  -4.355 -2.251 1.00 0.00 ? 8  GLY A H    3 
ATOM 392 H HA2  . GLY A 1 8  ? 1.374  -5.805 -4.622 1.00 0.00 ? 8  GLY A HA2  3 
ATOM 393 H HA3  . GLY A 1 8  ? 1.318  -6.346 -2.947 1.00 0.00 ? 8  GLY A HA3  3 
ATOM 394 N N    . ILE A 1 9  ? -0.569 -4.375 -2.264 1.00 0.00 ? 9  ILE A N    3 
ATOM 395 C CA   . ILE A 1 9  ? -1.847 -3.665 -2.023 1.00 0.00 ? 9  ILE A CA   3 
ATOM 396 C C    . ILE A 1 9  ? -1.795 -2.313 -2.781 1.00 0.00 ? 9  ILE A C    3 
ATOM 397 O O    . ILE A 1 9  ? -0.848 -1.540 -2.617 1.00 0.00 ? 9  ILE A O    3 
ATOM 398 C CB   . ILE A 1 9  ? -2.022 -3.444 -0.489 1.00 0.00 ? 9  ILE A CB   3 
ATOM 399 C CG1  . ILE A 1 9  ? -2.043 -4.764 0.325  1.00 0.00 ? 9  ILE A CG1  3 
ATOM 400 C CG2  . ILE A 1 9  ? -3.305 -2.648 -0.177 1.00 0.00 ? 9  ILE A CG2  3 
ATOM 401 C CD1  . ILE A 1 9  ? -1.826 -4.553 1.829  1.00 0.00 ? 9  ILE A CD1  3 
ATOM 402 H H    . ILE A 1 9  ? 0.168  -4.428 -1.553 1.00 0.00 ? 9  ILE A H    3 
ATOM 403 H HA   . ILE A 1 9  ? -2.685 -4.283 -2.401 1.00 0.00 ? 9  ILE A HA   3 
ATOM 404 H HB   . ILE A 1 9  ? -1.160 -2.844 -0.139 1.00 0.00 ? 9  ILE A HB   3 
ATOM 405 H HG12 . ILE A 1 9  ? -2.992 -5.303 0.150  1.00 0.00 ? 9  ILE A HG12 3 
ATOM 406 H HG13 . ILE A 1 9  ? -1.246 -5.443 -0.026 1.00 0.00 ? 9  ILE A HG13 3 
ATOM 407 H HG21 . ILE A 1 9  ? -3.295 -1.653 -0.656 1.00 0.00 ? 9  ILE A HG21 3 
ATOM 408 H HG22 . ILE A 1 9  ? -4.205 -3.179 -0.537 1.00 0.00 ? 9  ILE A HG22 3 
ATOM 409 H HG23 . ILE A 1 9  ? -3.436 -2.475 0.906  1.00 0.00 ? 9  ILE A HG23 3 
ATOM 410 H HD11 . ILE A 1 9  ? -0.855 -4.061 2.027  1.00 0.00 ? 9  ILE A HD11 3 
ATOM 411 H HD12 . ILE A 1 9  ? -2.612 -3.927 2.288  1.00 0.00 ? 9  ILE A HD12 3 
ATOM 412 H HD13 . ILE A 1 9  ? -1.815 -5.517 2.369  1.00 0.00 ? 9  ILE A HD13 3 
ATOM 413 N N    . ALA A 1 10 ? -2.812 -2.026 -3.600 1.00 0.00 ? 10 ALA A N    3 
ATOM 414 C CA   . ALA A 1 10 ? -2.850 -0.761 -4.360 1.00 0.00 ? 10 ALA A CA   3 
ATOM 415 C C    . ALA A 1 10 ? -4.256 -0.168 -4.247 1.00 0.00 ? 10 ALA A C    3 
ATOM 416 O O    . ALA A 1 10 ? -4.444 0.793  -3.439 1.00 0.00 ? 10 ALA A O    3 
ATOM 417 C CB   . ALA A 1 10 ? -2.441 -1.000 -5.822 1.00 0.00 ? 10 ALA A CB   3 
ATOM 418 O OXT  . ALA A 1 10 ? -5.212 -0.628 -4.945 1.00 0.00 ? 10 ALA A OXT  3 
ATOM 419 H H    . ALA A 1 10 ? -3.563 -2.723 -3.650 1.00 0.00 ? 10 ALA A H    3 
ATOM 420 H HA   . ALA A 1 10 ? -2.144 -0.028 -3.924 1.00 0.00 ? 10 ALA A HA   3 
ATOM 421 H HB1  . ALA A 1 10 ? -3.116 -1.713 -6.330 1.00 0.00 ? 10 ALA A HB1  3 
ATOM 422 H HB2  . ALA A 1 10 ? -2.456 -0.057 -6.402 1.00 0.00 ? 10 ALA A HB2  3 
ATOM 423 H HB3  . ALA A 1 10 ? -1.416 -1.406 -5.893 1.00 0.00 ? 10 ALA A HB3  3 
# 
